data_6JEB
#
_entry.id   6JEB
#
_cell.length_a   91.342
_cell.length_b   91.342
_cell.length_c   274.807
_cell.angle_alpha   90.000
_cell.angle_beta   90.000
_cell.angle_gamma   120.000
#
_symmetry.space_group_name_H-M   'P 61 2 2'
#
loop_
_entity.id
_entity.type
_entity.pdbx_description
1 polymer Beta-N-acetylhexosaminidase
2 non-polymer 'ZINC ION'
3 non-polymer ACETAMIDE
4 water water
#
_entity_poly.entity_id   1
_entity_poly.type   'polypeptide(L)'
_entity_poly.pdbx_seq_one_letter_code
;TAQYSIIPEPSRTELRQETAKTLQLLSDQEVPTLETDAYRLTVTPQGAHLASGGREGRIYGLATLRQLRDQLAGQPEGIP
CGVITDKPRYPWRGLMVDPARHFIPAADLKKFVDMMAYYKFNRLHLHLTDNQGWRLPVPGYPKLKSVASRREESFGDGIP
HEGMYTKQELKELVAYCAARGIDVIPEIDMPGHNQALHAAYPEFFCFPKPDMNVRTTAGNSKELVCPQKPEVWKFYASVF
NELKDIFPSGIVHLGGDEAPTELWEKCPLCREARTRAAMKDEQEQMKAFFAKTAALLAKNGQTPQFWYEGNAGIYHPGET
VYAWRQGQALQSIEKTKKAGLNLIMASSEYCYLDFPQIQGQRNWGWMKTTTLQKCYDLDPAFGKPEKEAGHIRGVHAPVW
AERLPDLNHLLYRAYPRACAIAEAGWSPMGVRSWENFRRKLADHRQFILKRFNYDMERTQGNEPAFRWE
;
_entity_poly.pdbx_strand_id   A
#
loop_
_chem_comp.id
_chem_comp.type
_chem_comp.name
_chem_comp.formula
ACM non-polymer ACETAMIDE 'C2 H5 N O'
ZN non-polymer 'ZINC ION' 'Zn 2'
#
# COMPACT_ATOMS: atom_id res chain seq x y z
N THR A 1 16.46 32.02 1.56
CA THR A 1 15.96 32.60 2.81
C THR A 1 15.15 31.57 3.59
N ALA A 2 14.42 32.03 4.62
CA ALA A 2 13.74 31.12 5.54
C ALA A 2 12.54 30.46 4.86
N GLN A 3 12.41 29.14 5.04
CA GLN A 3 11.40 28.34 4.39
C GLN A 3 10.80 27.38 5.39
N TYR A 4 9.68 26.76 5.00
CA TYR A 4 9.13 25.63 5.74
C TYR A 4 9.75 24.33 5.23
N SER A 5 9.66 23.30 6.06
CA SER A 5 10.11 21.97 5.67
C SER A 5 8.97 20.97 5.76
N ILE A 6 7.92 21.18 4.97
CA ILE A 6 6.74 20.34 4.98
C ILE A 6 6.88 19.31 3.87
N ILE A 7 6.75 18.04 4.22
CA ILE A 7 6.66 16.94 3.25
C ILE A 7 5.32 16.28 3.45
N PRO A 8 4.48 16.16 2.41
CA PRO A 8 4.74 16.60 1.02
C PRO A 8 4.70 18.11 0.84
N GLU A 9 5.44 18.59 -0.17
CA GLU A 9 5.45 20.01 -0.46
C GLU A 9 4.03 20.50 -0.74
N PRO A 10 3.58 21.57 -0.08
CA PRO A 10 2.24 22.08 -0.35
C PRO A 10 2.12 22.62 -1.78
N SER A 11 0.89 22.60 -2.29
CA SER A 11 0.67 23.08 -3.64
CA SER A 11 0.65 23.08 -3.64
C SER A 11 0.94 24.57 -3.80
N ARG A 12 0.73 25.37 -2.74
CA ARG A 12 1.08 26.79 -2.77
C ARG A 12 1.54 27.21 -1.38
N THR A 13 2.72 27.82 -1.31
CA THR A 13 3.21 28.46 -0.09
C THR A 13 3.57 29.89 -0.44
N GLU A 14 2.92 30.84 0.22
CA GLU A 14 3.21 32.27 0.07
C GLU A 14 3.82 32.74 1.38
N LEU A 15 5.14 32.91 1.41
CA LEU A 15 5.82 33.32 2.63
C LEU A 15 5.73 34.83 2.82
N ARG A 16 5.69 35.24 4.08
CA ARG A 16 5.61 36.64 4.47
C ARG A 16 6.83 37.01 5.31
N GLN A 17 7.02 38.31 5.52
CA GLN A 17 8.24 38.80 6.16
C GLN A 17 8.25 38.63 7.67
N GLU A 18 7.09 38.55 8.31
CA GLU A 18 7.04 38.44 9.76
C GLU A 18 7.48 37.06 10.20
N THR A 19 7.80 36.95 11.49
CA THR A 19 8.24 35.71 12.11
C THR A 19 7.21 35.29 13.15
N ALA A 20 6.98 33.98 13.25
CA ALA A 20 6.08 33.40 14.24
C ALA A 20 6.87 32.56 15.23
N LYS A 21 6.64 32.79 16.52
CA LYS A 21 7.22 31.98 17.58
C LYS A 21 6.16 31.16 18.32
N THR A 22 4.92 31.20 17.82
CA THR A 22 3.86 30.37 18.35
C THR A 22 3.06 29.84 17.17
N LEU A 23 2.51 28.64 17.35
CA LEU A 23 1.63 28.02 16.38
C LEU A 23 0.29 27.65 17.01
N GLN A 24 -0.06 28.33 18.10
CA GLN A 24 -1.37 28.16 18.70
C GLN A 24 -2.45 28.34 17.66
N LEU A 25 -3.40 27.42 17.63
CA LEU A 25 -4.46 27.46 16.64
C LEU A 25 -5.51 28.48 17.08
N LEU A 26 -5.62 29.58 16.33
CA LEU A 26 -6.53 30.67 16.66
C LEU A 26 -7.91 30.50 16.06
N SER A 27 -8.01 29.79 14.94
CA SER A 27 -9.28 29.55 14.29
C SER A 27 -9.19 28.24 13.53
N ASP A 28 -10.34 27.59 13.37
CA ASP A 28 -10.41 26.25 12.79
C ASP A 28 -11.81 26.17 12.20
N GLN A 29 -11.92 26.44 10.91
CA GLN A 29 -13.21 26.68 10.27
C GLN A 29 -13.37 25.80 9.05
N GLU A 30 -14.59 25.31 8.84
CA GLU A 30 -14.94 24.66 7.59
C GLU A 30 -15.54 25.71 6.65
N VAL A 31 -14.97 25.81 5.46
CA VAL A 31 -15.36 26.86 4.52
C VAL A 31 -15.83 26.26 3.21
N PRO A 32 -16.88 26.82 2.59
CA PRO A 32 -17.45 26.18 1.40
C PRO A 32 -16.61 26.31 0.16
N THR A 33 -15.72 27.31 0.10
N THR A 33 -15.71 27.30 0.12
CA THR A 33 -14.98 27.60 -1.12
CA THR A 33 -14.96 27.62 -1.09
C THR A 33 -13.82 26.64 -1.37
C THR A 33 -13.91 26.57 -1.38
N LEU A 34 -13.38 25.91 -0.36
CA LEU A 34 -12.33 24.92 -0.54
C LEU A 34 -12.94 23.56 -0.80
N GLU A 35 -12.26 22.75 -1.60
CA GLU A 35 -12.70 21.38 -1.80
C GLU A 35 -12.53 20.58 -0.51
N THR A 36 -13.22 19.44 -0.43
CA THR A 36 -13.30 18.73 0.84
C THR A 36 -11.96 18.15 1.27
N ASP A 37 -11.02 17.98 0.33
CA ASP A 37 -9.68 17.47 0.61
C ASP A 37 -8.64 18.58 0.72
N ALA A 38 -9.07 19.84 0.79
CA ALA A 38 -8.17 20.98 0.71
C ALA A 38 -8.19 21.77 2.01
N TYR A 39 -7.10 22.50 2.27
CA TYR A 39 -7.04 23.37 3.43
C TYR A 39 -6.25 24.63 3.08
N ARG A 40 -6.43 25.66 3.90
CA ARG A 40 -5.62 26.87 3.86
C ARG A 40 -5.16 27.13 5.29
N LEU A 41 -3.85 27.17 5.50
CA LEU A 41 -3.28 27.37 6.81
C LEU A 41 -2.48 28.66 6.79
N THR A 42 -2.85 29.62 7.62
CA THR A 42 -2.20 30.92 7.68
C THR A 42 -1.43 31.03 8.99
N VAL A 43 -0.13 31.27 8.88
CA VAL A 43 0.76 31.40 10.02
C VAL A 43 0.99 32.89 10.25
N THR A 44 0.62 33.39 11.43
CA THR A 44 0.78 34.78 11.81
C THR A 44 1.59 34.86 13.10
N PRO A 45 2.11 36.04 13.47
CA PRO A 45 2.86 36.12 14.73
C PRO A 45 2.03 35.81 15.96
N GLN A 46 0.71 35.88 15.86
CA GLN A 46 -0.17 35.60 16.98
C GLN A 46 -0.61 34.15 17.05
N GLY A 47 -0.35 33.36 16.01
CA GLY A 47 -0.82 32.00 15.93
C GLY A 47 -1.31 31.69 14.54
N ALA A 48 -1.90 30.51 14.40
CA ALA A 48 -2.25 29.96 13.10
C ALA A 48 -3.75 29.90 12.91
N HIS A 49 -4.18 30.05 11.66
CA HIS A 49 -5.58 29.95 11.28
C HIS A 49 -5.73 28.83 10.27
N LEU A 50 -6.63 27.89 10.56
CA LEU A 50 -6.88 26.76 9.66
C LEU A 50 -8.27 26.89 9.07
N ALA A 51 -8.36 26.83 7.75
CA ALA A 51 -9.62 26.71 7.03
C ALA A 51 -9.55 25.43 6.21
N SER A 52 -10.65 24.69 6.13
CA SER A 52 -10.64 23.46 5.36
C SER A 52 -11.99 23.27 4.70
N GLY A 53 -12.00 22.50 3.61
CA GLY A 53 -13.26 22.26 2.91
C GLY A 53 -14.07 21.11 3.45
N GLY A 54 -13.49 20.30 4.32
CA GLY A 54 -14.17 19.13 4.86
C GLY A 54 -13.23 18.44 5.83
N ARG A 55 -13.73 17.33 6.39
CA ARG A 55 -12.97 16.59 7.41
CA ARG A 55 -12.96 16.63 7.42
C ARG A 55 -11.62 16.14 6.87
N GLU A 56 -11.59 15.69 5.61
CA GLU A 56 -10.35 15.18 5.04
C GLU A 56 -9.30 16.28 4.93
N GLY A 57 -9.67 17.41 4.32
CA GLY A 57 -8.76 18.54 4.24
C GLY A 57 -8.30 19.00 5.61
N ARG A 58 -9.19 18.94 6.60
CA ARG A 58 -8.83 19.34 7.97
C ARG A 58 -7.76 18.42 8.54
N ILE A 59 -7.90 17.10 8.34
CA ILE A 59 -6.87 16.18 8.79
C ILE A 59 -5.53 16.55 8.17
N TYR A 60 -5.53 16.84 6.87
CA TYR A 60 -4.28 17.20 6.21
C TYR A 60 -3.73 18.52 6.74
N GLY A 61 -4.60 19.52 6.96
CA GLY A 61 -4.11 20.78 7.50
C GLY A 61 -3.49 20.62 8.87
N LEU A 62 -4.11 19.78 9.72
CA LEU A 62 -3.53 19.50 11.03
C LEU A 62 -2.22 18.74 10.91
N ALA A 63 -2.07 17.89 9.89
CA ALA A 63 -0.79 17.21 9.67
C ALA A 63 0.31 18.21 9.29
N THR A 64 -0.02 19.19 8.46
CA THR A 64 0.95 20.24 8.18
C THR A 64 1.28 21.04 9.42
N LEU A 65 0.27 21.38 10.21
CA LEU A 65 0.51 22.09 11.46
C LEU A 65 1.43 21.31 12.39
N ARG A 66 1.28 19.98 12.41
CA ARG A 66 2.14 19.14 13.22
CA ARG A 66 2.15 19.16 13.23
C ARG A 66 3.59 19.26 12.77
N GLN A 67 3.83 19.23 11.45
CA GLN A 67 5.19 19.37 10.94
C GLN A 67 5.75 20.75 11.24
N LEU A 68 4.91 21.79 11.12
CA LEU A 68 5.37 23.14 11.45
C LEU A 68 5.70 23.26 12.93
N ARG A 69 4.93 22.59 13.79
CA ARG A 69 5.25 22.60 15.22
C ARG A 69 6.57 21.89 15.49
N ASP A 70 6.82 20.78 14.78
CA ASP A 70 8.12 20.11 14.92
C ASP A 70 9.25 21.02 14.45
N GLN A 71 9.03 21.74 13.35
CA GLN A 71 10.04 22.69 12.88
C GLN A 71 10.28 23.79 13.92
N LEU A 72 9.20 24.40 14.42
CA LEU A 72 9.34 25.48 15.38
C LEU A 72 10.05 25.02 16.65
N ALA A 73 9.80 23.77 17.06
CA ALA A 73 10.44 23.25 18.28
C ALA A 73 11.95 23.25 18.15
N GLY A 74 12.48 23.10 16.95
CA GLY A 74 13.91 23.16 16.70
C GLY A 74 14.42 24.49 16.19
N GLN A 75 13.57 25.51 16.11
CA GLN A 75 13.93 26.83 15.57
C GLN A 75 13.47 27.88 16.57
N PRO A 76 14.22 28.10 17.64
CA PRO A 76 13.81 29.09 18.64
C PRO A 76 13.71 30.51 18.10
N GLU A 77 14.40 30.82 17.00
CA GLU A 77 14.27 32.12 16.37
C GLU A 77 12.92 32.31 15.69
N GLY A 78 12.11 31.27 15.61
CA GLY A 78 10.81 31.34 14.98
C GLY A 78 10.84 30.85 13.54
N ILE A 79 9.65 30.71 12.97
CA ILE A 79 9.49 30.28 11.58
C ILE A 79 8.84 31.43 10.82
N PRO A 80 8.94 31.42 9.49
CA PRO A 80 8.29 32.49 8.72
C PRO A 80 6.78 32.44 8.85
N CYS A 81 6.17 33.60 8.79
CA CYS A 81 4.73 33.68 8.58
C CYS A 81 4.43 33.43 7.11
N GLY A 82 3.17 33.15 6.81
CA GLY A 82 2.82 32.84 5.44
C GLY A 82 1.45 32.21 5.34
N VAL A 83 1.09 31.87 4.10
CA VAL A 83 -0.18 31.21 3.79
C VAL A 83 0.12 29.97 2.98
N ILE A 84 -0.40 28.84 3.43
CA ILE A 84 -0.27 27.55 2.75
C ILE A 84 -1.65 27.18 2.24
N THR A 85 -1.78 26.97 0.93
CA THR A 85 -3.03 26.52 0.33
C THR A 85 -2.74 25.21 -0.36
N ASP A 86 -3.44 24.14 0.03
CA ASP A 86 -2.93 22.82 -0.26
C ASP A 86 -4.06 21.84 -0.55
N LYS A 87 -3.82 20.96 -1.52
CA LYS A 87 -4.77 19.95 -1.95
C LYS A 87 -3.95 18.91 -2.70
N PRO A 88 -4.25 17.62 -2.55
CA PRO A 88 -3.39 16.59 -3.18
C PRO A 88 -3.60 16.45 -4.68
N ARG A 89 -2.49 16.16 -5.36
CA ARG A 89 -2.52 15.86 -6.79
C ARG A 89 -3.35 14.61 -7.07
N TYR A 90 -3.17 13.56 -6.27
CA TYR A 90 -3.85 12.29 -6.47
C TYR A 90 -4.63 11.88 -5.24
N PRO A 91 -5.81 11.27 -5.42
CA PRO A 91 -6.62 10.88 -4.27
C PRO A 91 -6.21 9.58 -3.61
N TRP A 92 -5.39 8.77 -4.27
CA TRP A 92 -4.94 7.49 -3.71
C TRP A 92 -3.45 7.59 -3.43
N ARG A 93 -3.06 7.58 -2.16
CA ARG A 93 -1.66 7.65 -1.77
C ARG A 93 -1.44 6.57 -0.71
N GLY A 94 -0.85 5.45 -1.11
CA GLY A 94 -0.88 4.26 -0.30
C GLY A 94 0.47 3.64 0.00
N LEU A 95 0.51 2.92 1.12
CA LEU A 95 1.57 1.96 1.42
C LEU A 95 0.92 0.60 1.64
N MET A 96 1.64 -0.46 1.26
CA MET A 96 1.20 -1.82 1.52
C MET A 96 2.17 -2.48 2.48
N VAL A 97 1.64 -3.09 3.53
CA VAL A 97 2.42 -3.94 4.42
C VAL A 97 2.12 -5.40 4.10
N ASP A 98 3.05 -6.27 4.50
CA ASP A 98 3.05 -7.68 4.11
C ASP A 98 3.14 -8.56 5.35
N PRO A 99 2.09 -8.57 6.17
CA PRO A 99 2.10 -9.48 7.34
C PRO A 99 2.04 -10.94 6.94
N ALA A 100 1.62 -11.25 5.70
CA ALA A 100 1.67 -12.64 5.26
C ALA A 100 3.07 -13.21 5.35
N ARG A 101 4.07 -12.43 4.90
CA ARG A 101 5.45 -12.93 4.92
C ARG A 101 6.05 -12.87 6.33
N HIS A 102 5.84 -11.77 7.05
CA HIS A 102 6.24 -11.68 8.45
C HIS A 102 5.17 -10.93 9.19
N PHE A 103 4.59 -11.57 10.20
CA PHE A 103 3.49 -11.01 10.96
C PHE A 103 3.92 -9.69 11.59
N ILE A 104 3.03 -8.70 11.58
CA ILE A 104 3.28 -7.41 12.18
C ILE A 104 2.36 -7.27 13.39
N PRO A 105 2.89 -7.29 14.61
CA PRO A 105 2.02 -7.16 15.78
C PRO A 105 1.23 -5.86 15.76
N ALA A 106 0.07 -5.89 16.42
CA ALA A 106 -0.82 -4.74 16.46
C ALA A 106 -0.10 -3.46 16.88
N ALA A 107 0.74 -3.53 17.91
CA ALA A 107 1.39 -2.32 18.40
C ALA A 107 2.34 -1.76 17.36
N ASP A 108 2.97 -2.62 16.56
CA ASP A 108 3.88 -2.16 15.52
C ASP A 108 3.12 -1.58 14.34
N LEU A 109 1.94 -2.11 14.04
CA LEU A 109 1.10 -1.49 13.02
C LEU A 109 0.74 -0.06 13.40
N LYS A 110 0.46 0.18 14.68
CA LYS A 110 0.12 1.53 15.12
C LYS A 110 1.24 2.52 14.79
N LYS A 111 2.48 2.15 15.09
CA LYS A 111 3.59 3.04 14.80
CA LYS A 111 3.60 3.04 14.80
CA LYS A 111 3.59 3.04 14.80
C LYS A 111 3.74 3.26 13.30
N PHE A 112 3.60 2.20 12.50
CA PHE A 112 3.66 2.33 11.06
C PHE A 112 2.58 3.29 10.56
N VAL A 113 1.37 3.20 11.12
CA VAL A 113 0.28 4.07 10.72
C VAL A 113 0.56 5.52 11.10
N ASP A 114 1.04 5.76 12.34
CA ASP A 114 1.32 7.14 12.74
C ASP A 114 2.33 7.79 11.81
N MET A 115 3.36 7.02 11.42
CA MET A 115 4.39 7.59 10.55
CA MET A 115 4.39 7.56 10.53
C MET A 115 3.84 7.89 9.15
N MET A 116 3.03 6.99 8.58
CA MET A 116 2.50 7.28 7.25
C MET A 116 1.50 8.45 7.28
N ALA A 117 0.71 8.55 8.36
CA ALA A 117 -0.20 9.69 8.48
C ALA A 117 0.56 11.01 8.55
N TYR A 118 1.74 10.99 9.16
CA TYR A 118 2.56 12.20 9.26
C TYR A 118 2.89 12.76 7.88
N TYR A 119 2.98 11.89 6.87
CA TYR A 119 3.28 12.25 5.49
C TYR A 119 2.04 12.26 4.58
N LYS A 120 0.84 12.25 5.16
CA LYS A 120 -0.43 12.38 4.44
C LYS A 120 -0.74 11.19 3.53
N PHE A 121 -0.20 10.01 3.81
CA PHE A 121 -0.75 8.82 3.15
C PHE A 121 -2.18 8.63 3.61
N ASN A 122 -3.04 8.10 2.71
CA ASN A 122 -4.43 7.90 3.07
C ASN A 122 -4.93 6.49 2.77
N ARG A 123 -4.05 5.58 2.37
CA ARG A 123 -4.45 4.19 2.11
C ARG A 123 -3.43 3.25 2.71
N LEU A 124 -3.91 2.29 3.52
CA LEU A 124 -3.08 1.23 4.08
C LEU A 124 -3.62 -0.08 3.53
N HIS A 125 -2.80 -0.76 2.74
CA HIS A 125 -3.16 -2.00 2.08
C HIS A 125 -2.48 -3.14 2.85
N LEU A 126 -3.27 -4.13 3.28
CA LEU A 126 -2.77 -5.27 4.05
C LEU A 126 -2.66 -6.49 3.14
N HIS A 127 -1.44 -6.93 2.87
CA HIS A 127 -1.22 -8.16 2.11
C HIS A 127 -1.31 -9.30 3.12
N LEU A 128 -2.54 -9.80 3.31
CA LEU A 128 -2.85 -10.69 4.43
C LEU A 128 -2.52 -12.15 4.15
N THR A 129 -2.37 -12.54 2.88
CA THR A 129 -2.27 -13.94 2.51
C THR A 129 -1.19 -14.12 1.45
N ASP A 130 -0.42 -15.19 1.57
CA ASP A 130 0.56 -15.53 0.54
C ASP A 130 1.00 -16.98 0.73
N ASN A 131 2.17 -17.31 0.16
CA ASN A 131 2.67 -18.67 0.24
C ASN A 131 3.19 -19.00 1.63
N GLN A 132 3.68 -17.99 2.35
CA GLN A 132 4.41 -18.14 3.60
C GLN A 132 3.54 -17.96 4.84
N GLY A 133 2.27 -17.65 4.66
CA GLY A 133 1.40 -17.43 5.80
C GLY A 133 0.06 -16.84 5.40
N TRP A 134 -0.91 -16.98 6.30
CA TRP A 134 -2.27 -16.49 6.12
C TRP A 134 -2.67 -15.85 7.44
N ARG A 135 -3.06 -14.57 7.42
CA ARG A 135 -3.20 -13.79 8.65
C ARG A 135 -4.63 -13.38 8.99
N LEU A 136 -5.63 -13.74 8.16
CA LEU A 136 -7.01 -13.32 8.39
C LEU A 136 -7.81 -14.48 8.98
N PRO A 137 -8.37 -14.34 10.18
CA PRO A 137 -9.23 -15.41 10.70
C PRO A 137 -10.56 -15.43 9.98
N VAL A 138 -11.06 -16.63 9.71
CA VAL A 138 -12.36 -16.79 9.04
C VAL A 138 -13.18 -17.82 9.79
N PRO A 139 -14.29 -17.43 10.41
CA PRO A 139 -15.13 -18.43 11.10
C PRO A 139 -15.55 -19.54 10.14
N GLY A 140 -15.48 -20.77 10.65
CA GLY A 140 -15.78 -21.95 9.86
C GLY A 140 -14.60 -22.56 9.16
N TYR A 141 -13.42 -21.92 9.20
CA TYR A 141 -12.22 -22.44 8.54
C TYR A 141 -11.07 -22.42 9.54
N PRO A 142 -11.16 -23.26 10.58
CA PRO A 142 -10.17 -23.19 11.66
C PRO A 142 -8.77 -23.61 11.26
N LYS A 143 -8.61 -24.32 10.14
CA LYS A 143 -7.26 -24.67 9.72
C LYS A 143 -6.47 -23.49 9.17
N LEU A 144 -7.13 -22.37 8.87
CA LEU A 144 -6.35 -21.18 8.56
C LEU A 144 -5.47 -20.81 9.75
N LYS A 145 -6.01 -20.93 10.97
CA LYS A 145 -5.21 -20.68 12.16
C LYS A 145 -4.26 -21.84 12.46
N SER A 146 -4.78 -23.07 12.49
CA SER A 146 -3.96 -24.17 12.99
C SER A 146 -2.85 -24.56 12.03
N VAL A 147 -3.05 -24.33 10.72
CA VAL A 147 -2.07 -24.70 9.71
C VAL A 147 -1.52 -23.48 8.96
N ALA A 148 -2.40 -22.72 8.29
CA ALA A 148 -1.93 -21.73 7.33
C ALA A 148 -1.22 -20.55 7.98
N SER A 149 -1.41 -20.30 9.28
CA SER A 149 -0.81 -19.15 9.94
C SER A 149 0.57 -19.47 10.50
N ARG A 150 1.09 -20.68 10.27
CA ARG A 150 2.32 -21.15 10.88
C ARG A 150 3.25 -21.71 9.82
N ARG A 151 4.55 -21.46 9.96
CA ARG A 151 5.52 -22.12 9.09
C ARG A 151 6.72 -22.57 9.92
N GLU A 152 7.44 -23.56 9.38
CA GLU A 152 8.50 -24.24 10.13
C GLU A 152 9.74 -23.36 10.31
N GLU A 153 10.03 -22.48 9.35
CA GLU A 153 11.26 -21.69 9.37
C GLU A 153 11.17 -20.68 8.24
N SER A 154 12.24 -19.92 8.05
CA SER A 154 12.38 -19.01 6.91
C SER A 154 13.79 -19.16 6.36
N PHE A 155 13.90 -19.55 5.10
CA PHE A 155 15.19 -19.62 4.41
C PHE A 155 16.21 -20.45 5.20
N GLY A 156 15.76 -21.60 5.70
CA GLY A 156 16.66 -22.52 6.38
C GLY A 156 17.12 -22.08 7.76
N ASP A 157 16.51 -21.05 8.34
CA ASP A 157 16.99 -20.53 9.62
C ASP A 157 16.56 -21.35 10.82
N GLY A 158 15.72 -22.37 10.62
CA GLY A 158 15.28 -23.22 11.71
C GLY A 158 14.33 -22.58 12.70
N ILE A 159 13.82 -21.39 12.42
CA ILE A 159 13.07 -20.61 13.40
C ILE A 159 11.62 -20.53 12.95
N PRO A 160 10.69 -21.22 13.63
CA PRO A 160 9.27 -21.13 13.24
C PRO A 160 8.77 -19.70 13.28
N HIS A 161 7.83 -19.41 12.40
CA HIS A 161 7.20 -18.09 12.36
C HIS A 161 5.69 -18.28 12.25
N GLU A 162 4.94 -17.60 13.12
CA GLU A 162 3.50 -17.70 13.06
C GLU A 162 2.87 -16.37 13.46
N GLY A 163 1.56 -16.30 13.25
CA GLY A 163 0.80 -15.17 13.71
C GLY A 163 -0.51 -15.07 12.97
N MET A 164 -1.55 -14.61 13.65
CA MET A 164 -2.82 -14.34 12.98
C MET A 164 -3.52 -13.23 13.75
N TYR A 165 -4.07 -12.25 13.04
CA TYR A 165 -4.81 -11.19 13.70
C TYR A 165 -6.12 -11.75 14.25
N THR A 166 -6.60 -11.14 15.33
CA THR A 166 -7.98 -11.39 15.74
C THR A 166 -8.89 -10.40 15.03
N LYS A 167 -10.17 -10.76 14.94
CA LYS A 167 -11.15 -9.83 14.38
C LYS A 167 -11.16 -8.52 15.16
N GLN A 168 -11.06 -8.59 16.48
CA GLN A 168 -11.03 -7.39 17.30
C GLN A 168 -9.80 -6.53 16.99
N GLU A 169 -8.64 -7.15 16.77
CA GLU A 169 -7.45 -6.38 16.38
C GLU A 169 -7.66 -5.68 15.04
N LEU A 170 -8.26 -6.37 14.07
CA LEU A 170 -8.45 -5.73 12.77
C LEU A 170 -9.45 -4.59 12.85
N LYS A 171 -10.51 -4.75 13.67
CA LYS A 171 -11.45 -3.64 13.86
C LYS A 171 -10.79 -2.48 14.59
N GLU A 172 -9.89 -2.77 15.53
CA GLU A 172 -9.11 -1.72 16.17
C GLU A 172 -8.28 -0.97 15.13
N LEU A 173 -7.58 -1.72 14.26
CA LEU A 173 -6.75 -1.10 13.24
C LEU A 173 -7.57 -0.20 12.33
N VAL A 174 -8.76 -0.66 11.93
CA VAL A 174 -9.62 0.14 11.06
C VAL A 174 -9.96 1.47 11.74
N ALA A 175 -10.34 1.42 13.01
CA ALA A 175 -10.72 2.66 13.72
C ALA A 175 -9.49 3.55 13.93
N TYR A 176 -8.36 2.93 14.26
CA TYR A 176 -7.12 3.67 14.44
C TYR A 176 -6.74 4.40 13.16
N CYS A 177 -6.84 3.71 12.02
CA CYS A 177 -6.53 4.34 10.74
C CYS A 177 -7.54 5.42 10.40
N ALA A 178 -8.83 5.18 10.62
CA ALA A 178 -9.85 6.15 10.23
C ALA A 178 -9.65 7.47 10.95
N ALA A 179 -9.25 7.41 12.23
CA ALA A 179 -9.01 8.61 13.02
C ALA A 179 -7.82 9.40 12.47
N ARG A 180 -6.98 8.77 11.65
CA ARG A 180 -5.79 9.37 11.08
C ARG A 180 -5.91 9.54 9.57
N GLY A 181 -7.14 9.48 9.03
CA GLY A 181 -7.37 9.76 7.64
C GLY A 181 -7.05 8.64 6.68
N ILE A 182 -6.95 7.40 7.16
CA ILE A 182 -6.44 6.30 6.35
C ILE A 182 -7.52 5.23 6.21
N ASP A 183 -7.85 4.88 4.96
CA ASP A 183 -8.72 3.75 4.67
C ASP A 183 -7.89 2.48 4.57
N VAL A 184 -8.43 1.37 5.05
CA VAL A 184 -7.70 0.11 5.07
C VAL A 184 -8.22 -0.81 3.97
N ILE A 185 -7.30 -1.35 3.18
CA ILE A 185 -7.63 -2.17 2.03
C ILE A 185 -7.10 -3.57 2.26
N PRO A 186 -7.94 -4.57 2.52
CA PRO A 186 -7.44 -5.95 2.67
C PRO A 186 -7.19 -6.59 1.32
N GLU A 187 -6.14 -7.43 1.25
CA GLU A 187 -5.86 -8.21 0.05
C GLU A 187 -5.95 -9.70 0.38
N ILE A 188 -6.80 -10.40 -0.35
CA ILE A 188 -6.86 -11.86 -0.35
C ILE A 188 -6.33 -12.28 -1.71
N ASP A 189 -5.06 -12.67 -1.79
CA ASP A 189 -4.44 -12.91 -3.08
C ASP A 189 -4.95 -14.23 -3.67
N MET A 190 -5.44 -14.17 -4.91
CA MET A 190 -5.98 -15.34 -5.60
C MET A 190 -5.81 -15.13 -7.09
N PRO A 191 -5.77 -16.21 -7.88
CA PRO A 191 -5.87 -17.61 -7.48
C PRO A 191 -4.54 -18.22 -7.03
N GLY A 192 -3.43 -17.52 -7.23
CA GLY A 192 -2.13 -18.00 -6.84
C GLY A 192 -1.65 -17.42 -5.53
N HIS A 193 -0.34 -17.47 -5.32
CA HIS A 193 0.27 -17.07 -4.05
C HIS A 193 -0.47 -17.72 -2.88
N ASN A 194 -0.75 -19.01 -3.04
CA ASN A 194 -1.71 -19.71 -2.19
C ASN A 194 -1.13 -20.96 -1.54
N GLN A 195 0.20 -21.04 -1.37
CA GLN A 195 0.75 -22.26 -0.76
C GLN A 195 0.25 -22.44 0.67
N ALA A 196 0.08 -21.35 1.41
CA ALA A 196 -0.40 -21.49 2.79
C ALA A 196 -1.83 -22.03 2.82
N LEU A 197 -2.68 -21.51 1.94
CA LEU A 197 -4.04 -22.03 1.83
C LEU A 197 -4.04 -23.51 1.42
N HIS A 198 -3.13 -23.90 0.52
CA HIS A 198 -3.04 -25.29 0.10
C HIS A 198 -2.61 -26.19 1.27
N ALA A 199 -1.66 -25.72 2.09
CA ALA A 199 -1.26 -26.50 3.25
C ALA A 199 -2.44 -26.80 4.16
N ALA A 200 -3.34 -25.83 4.32
CA ALA A 200 -4.50 -26.01 5.19
C ALA A 200 -5.63 -26.77 4.51
N TYR A 201 -5.95 -26.40 3.26
CA TYR A 201 -7.12 -26.89 2.55
C TYR A 201 -6.72 -27.34 1.15
N PRO A 202 -5.98 -28.45 1.06
CA PRO A 202 -5.58 -28.94 -0.27
C PRO A 202 -6.75 -29.23 -1.18
N GLU A 203 -7.91 -29.54 -0.60
CA GLU A 203 -9.11 -29.83 -1.39
C GLU A 203 -9.59 -28.64 -2.21
N PHE A 204 -9.06 -27.43 -1.97
CA PHE A 204 -9.46 -26.27 -2.78
C PHE A 204 -8.70 -26.19 -4.10
N PHE A 205 -7.79 -27.11 -4.38
CA PHE A 205 -6.83 -26.98 -5.47
C PHE A 205 -7.03 -28.09 -6.50
N CYS A 206 -6.58 -27.81 -7.74
CA CYS A 206 -6.74 -28.77 -8.83
C CYS A 206 -6.04 -30.09 -8.51
N PHE A 207 -4.86 -30.02 -7.90
CA PHE A 207 -4.03 -31.18 -7.60
C PHE A 207 -3.74 -31.17 -6.10
N PRO A 208 -4.66 -31.67 -5.30
CA PRO A 208 -4.47 -31.62 -3.84
C PRO A 208 -3.26 -32.42 -3.40
N LYS A 209 -2.46 -31.79 -2.54
CA LYS A 209 -1.24 -32.39 -2.01
C LYS A 209 -1.34 -32.30 -0.50
N PRO A 210 -1.86 -33.34 0.17
CA PRO A 210 -2.01 -33.28 1.62
C PRO A 210 -0.72 -33.05 2.37
N ASP A 211 0.43 -33.42 1.80
CA ASP A 211 1.72 -33.23 2.46
C ASP A 211 2.27 -31.82 2.32
N MET A 212 1.58 -30.95 1.60
CA MET A 212 2.07 -29.59 1.39
CA MET A 212 2.11 -29.61 1.39
C MET A 212 2.20 -28.87 2.71
N ASN A 213 3.31 -28.16 2.89
CA ASN A 213 3.53 -27.31 4.05
C ASN A 213 3.50 -25.85 3.63
N VAL A 214 3.28 -24.98 4.61
CA VAL A 214 3.39 -23.55 4.34
C VAL A 214 4.81 -23.25 3.88
N ARG A 215 4.93 -22.39 2.88
CA ARG A 215 6.22 -22.18 2.22
C ARG A 215 7.18 -21.47 3.16
N THR A 216 8.46 -21.89 3.11
CA THR A 216 9.49 -21.30 3.95
C THR A 216 10.54 -20.57 3.14
N THR A 217 10.39 -20.51 1.83
CA THR A 217 11.32 -19.87 0.92
C THR A 217 10.54 -18.94 0.01
N ALA A 218 11.27 -18.14 -0.75
CA ALA A 218 10.66 -17.31 -1.78
C ALA A 218 10.45 -18.15 -3.05
N GLY A 219 10.33 -17.50 -4.19
CA GLY A 219 10.05 -18.23 -5.40
C GLY A 219 8.57 -18.38 -5.65
N ASN A 220 8.25 -18.87 -6.85
CA ASN A 220 6.90 -18.87 -7.36
C ASN A 220 6.23 -20.23 -7.12
N SER A 221 4.99 -20.18 -6.66
CA SER A 221 4.15 -21.36 -6.53
C SER A 221 3.19 -21.45 -7.71
N LYS A 222 3.02 -22.65 -8.27
CA LYS A 222 2.08 -22.88 -9.35
C LYS A 222 0.69 -23.27 -8.86
N GLU A 223 0.47 -23.34 -7.54
CA GLU A 223 -0.77 -23.86 -6.98
C GLU A 223 -1.88 -22.82 -7.09
N LEU A 224 -2.86 -23.07 -7.96
CA LEU A 224 -4.02 -22.19 -8.09
C LEU A 224 -5.25 -22.88 -7.52
N VAL A 225 -6.09 -22.12 -6.83
CA VAL A 225 -7.39 -22.67 -6.43
C VAL A 225 -8.14 -23.11 -7.69
N CYS A 226 -8.93 -24.17 -7.55
CA CYS A 226 -9.65 -24.72 -8.68
C CYS A 226 -11.03 -24.08 -8.77
N PRO A 227 -11.34 -23.30 -9.82
CA PRO A 227 -12.66 -22.66 -9.89
C PRO A 227 -13.82 -23.63 -10.01
N GLN A 228 -13.56 -24.91 -10.28
CA GLN A 228 -14.65 -25.86 -10.44
C GLN A 228 -15.16 -26.42 -9.12
N LYS A 229 -14.51 -26.12 -8.02
CA LYS A 229 -14.84 -26.77 -6.75
CA LYS A 229 -14.84 -26.76 -6.76
C LYS A 229 -15.79 -25.89 -5.94
N PRO A 230 -16.96 -26.40 -5.57
CA PRO A 230 -17.91 -25.55 -4.83
C PRO A 230 -17.36 -25.06 -3.51
N GLU A 231 -16.48 -25.83 -2.86
CA GLU A 231 -15.89 -25.42 -1.59
CA GLU A 231 -15.97 -25.37 -1.58
C GLU A 231 -15.10 -24.13 -1.72
N VAL A 232 -14.49 -23.91 -2.89
CA VAL A 232 -13.72 -22.69 -3.12
C VAL A 232 -14.62 -21.47 -3.02
N TRP A 233 -15.80 -21.55 -3.66
CA TRP A 233 -16.70 -20.41 -3.68
C TRP A 233 -17.38 -20.20 -2.33
N LYS A 234 -17.70 -21.29 -1.62
CA LYS A 234 -18.21 -21.14 -0.27
CA LYS A 234 -18.21 -21.15 -0.26
C LYS A 234 -17.17 -20.51 0.63
N PHE A 235 -15.90 -20.91 0.47
CA PHE A 235 -14.82 -20.34 1.27
C PHE A 235 -14.67 -18.84 1.02
N TYR A 236 -14.55 -18.45 -0.26
CA TYR A 236 -14.34 -17.03 -0.52
C TYR A 236 -15.56 -16.19 -0.15
N ALA A 237 -16.77 -16.74 -0.28
CA ALA A 237 -17.93 -16.00 0.22
C ALA A 237 -17.82 -15.75 1.71
N SER A 238 -17.34 -16.75 2.48
CA SER A 238 -17.13 -16.56 3.90
C SER A 238 -16.05 -15.54 4.18
N VAL A 239 -14.94 -15.62 3.44
CA VAL A 239 -13.87 -14.63 3.58
C VAL A 239 -14.42 -13.23 3.34
N PHE A 240 -15.15 -13.05 2.24
CA PHE A 240 -15.64 -11.72 1.90
C PHE A 240 -16.67 -11.21 2.91
N ASN A 241 -17.47 -12.12 3.49
CA ASN A 241 -18.39 -11.69 4.54
CA ASN A 241 -18.39 -11.69 4.54
C ASN A 241 -17.64 -11.15 5.76
N GLU A 242 -16.52 -11.79 6.13
CA GLU A 242 -15.71 -11.25 7.21
C GLU A 242 -15.15 -9.88 6.84
N LEU A 243 -14.68 -9.74 5.60
CA LEU A 243 -14.14 -8.45 5.18
C LEU A 243 -15.21 -7.38 5.20
N LYS A 244 -16.45 -7.74 4.84
CA LYS A 244 -17.55 -6.77 4.91
C LYS A 244 -17.77 -6.28 6.34
N ASP A 245 -17.68 -7.20 7.30
CA ASP A 245 -17.88 -6.80 8.70
CA ASP A 245 -17.85 -6.84 8.72
C ASP A 245 -16.71 -5.95 9.21
N ILE A 246 -15.49 -6.27 8.81
CA ILE A 246 -14.30 -5.66 9.41
C ILE A 246 -13.91 -4.37 8.72
N PHE A 247 -13.92 -4.37 7.39
CA PHE A 247 -13.26 -3.32 6.63
C PHE A 247 -14.29 -2.47 5.90
N PRO A 248 -14.65 -1.30 6.45
CA PRO A 248 -15.72 -0.50 5.84
C PRO A 248 -15.33 0.16 4.53
N SER A 249 -14.07 0.07 4.10
CA SER A 249 -13.72 0.63 2.79
C SER A 249 -14.51 -0.04 1.67
N GLY A 250 -14.90 -1.29 1.87
CA GLY A 250 -15.61 -2.02 0.84
C GLY A 250 -14.78 -2.41 -0.36
N ILE A 251 -13.48 -2.13 -0.34
CA ILE A 251 -12.59 -2.49 -1.43
C ILE A 251 -11.81 -3.73 -1.02
N VAL A 252 -11.82 -4.75 -1.86
CA VAL A 252 -11.10 -6.00 -1.61
C VAL A 252 -10.12 -6.20 -2.75
N HIS A 253 -8.82 -6.12 -2.43
CA HIS A 253 -7.79 -6.39 -3.40
C HIS A 253 -7.70 -7.91 -3.56
N LEU A 254 -7.89 -8.40 -4.79
CA LEU A 254 -7.89 -9.83 -5.06
C LEU A 254 -6.52 -10.34 -5.51
N GLY A 255 -5.51 -9.48 -5.56
CA GLY A 255 -4.20 -9.93 -5.97
C GLY A 255 -4.14 -10.28 -7.44
N GLY A 256 -4.00 -11.57 -7.76
CA GLY A 256 -3.92 -11.99 -9.14
C GLY A 256 -2.53 -11.99 -9.73
N ASP A 257 -1.50 -11.70 -8.93
CA ASP A 257 -0.15 -11.63 -9.44
C ASP A 257 0.49 -13.01 -9.54
N GLU A 258 1.38 -13.15 -10.52
CA GLU A 258 2.28 -14.30 -10.62
C GLU A 258 1.52 -15.62 -10.49
N ALA A 259 0.47 -15.75 -11.31
CA ALA A 259 -0.43 -16.90 -11.30
C ALA A 259 -0.30 -17.64 -12.62
N PRO A 260 0.77 -18.40 -12.81
CA PRO A 260 0.90 -19.20 -14.04
C PRO A 260 -0.21 -20.25 -14.07
N THR A 261 -0.66 -20.55 -15.28
CA THR A 261 -1.88 -21.35 -15.41
C THR A 261 -1.63 -22.81 -15.78
N GLU A 262 -0.39 -23.28 -15.71
CA GLU A 262 -0.05 -24.65 -16.05
C GLU A 262 -0.97 -25.67 -15.38
N LEU A 263 -1.25 -25.51 -14.09
CA LEU A 263 -2.05 -26.52 -13.40
C LEU A 263 -3.53 -26.43 -13.79
N TRP A 264 -4.05 -25.22 -14.06
CA TRP A 264 -5.39 -25.12 -14.64
C TRP A 264 -5.46 -25.83 -15.98
N GLU A 265 -4.44 -25.67 -16.82
CA GLU A 265 -4.44 -26.34 -18.12
C GLU A 265 -4.54 -27.85 -17.95
N LYS A 266 -3.82 -28.40 -16.97
CA LYS A 266 -3.75 -29.85 -16.78
C LYS A 266 -4.89 -30.41 -15.96
N CYS A 267 -5.57 -29.59 -15.17
CA CYS A 267 -6.59 -30.07 -14.24
C CYS A 267 -7.71 -30.78 -14.98
N PRO A 268 -8.07 -32.01 -14.59
CA PRO A 268 -9.15 -32.71 -15.29
C PRO A 268 -10.50 -32.04 -15.12
N LEU A 269 -10.73 -31.34 -14.01
CA LEU A 269 -11.98 -30.61 -13.85
C LEU A 269 -11.99 -29.35 -14.70
N CYS A 270 -10.89 -28.58 -14.66
CA CYS A 270 -10.84 -27.35 -15.43
C CYS A 270 -10.86 -27.60 -16.94
N ARG A 271 -10.25 -28.70 -17.39
CA ARG A 271 -10.28 -28.99 -18.83
C ARG A 271 -11.71 -29.10 -19.34
N GLU A 272 -12.55 -29.87 -18.64
CA GLU A 272 -13.93 -30.03 -19.11
C GLU A 272 -14.77 -28.79 -18.85
N ALA A 273 -14.49 -28.05 -17.78
CA ALA A 273 -15.20 -26.79 -17.57
C ALA A 273 -14.92 -25.82 -18.71
N ARG A 274 -13.67 -25.76 -19.18
CA ARG A 274 -13.37 -24.92 -20.33
C ARG A 274 -14.10 -25.39 -21.58
N THR A 275 -14.17 -26.71 -21.78
CA THR A 275 -14.92 -27.23 -22.92
C THR A 275 -16.39 -26.82 -22.84
N ARG A 276 -17.00 -26.92 -21.66
CA ARG A 276 -18.39 -26.53 -21.49
C ARG A 276 -18.61 -25.05 -21.73
N ALA A 277 -17.68 -24.22 -21.28
CA ALA A 277 -17.80 -22.77 -21.42
C ALA A 277 -17.27 -22.24 -22.76
N ALA A 278 -16.78 -23.12 -23.63
CA ALA A 278 -16.16 -22.72 -24.90
C ALA A 278 -15.01 -21.74 -24.68
N MET A 279 -14.22 -21.98 -23.64
CA MET A 279 -13.04 -21.18 -23.36
C MET A 279 -11.85 -21.73 -24.14
N LYS A 280 -11.15 -20.84 -24.84
CA LYS A 280 -10.06 -21.25 -25.71
C LYS A 280 -8.73 -21.40 -24.97
N ASP A 281 -8.57 -20.76 -23.83
CA ASP A 281 -7.31 -20.80 -23.11
C ASP A 281 -7.55 -20.45 -21.65
N GLU A 282 -6.48 -20.43 -20.87
CA GLU A 282 -6.59 -20.19 -19.45
C GLU A 282 -6.67 -18.72 -19.10
N GLN A 283 -6.38 -17.81 -20.04
CA GLN A 283 -6.64 -16.39 -19.78
C GLN A 283 -8.14 -16.12 -19.80
N GLU A 284 -8.89 -16.76 -20.70
CA GLU A 284 -10.34 -16.69 -20.63
CA GLU A 284 -10.33 -16.66 -20.63
C GLU A 284 -10.84 -17.27 -19.32
N GLN A 285 -10.22 -18.36 -18.86
CA GLN A 285 -10.60 -18.92 -17.57
C GLN A 285 -10.31 -17.95 -16.44
N MET A 286 -9.16 -17.27 -16.49
CA MET A 286 -8.81 -16.28 -15.48
C MET A 286 -9.82 -15.13 -15.48
N LYS A 287 -10.20 -14.65 -16.66
CA LYS A 287 -11.21 -13.59 -16.72
C LYS A 287 -12.52 -14.03 -16.06
N ALA A 288 -12.96 -15.25 -16.35
CA ALA A 288 -14.20 -15.75 -15.76
C ALA A 288 -14.07 -15.93 -14.25
N PHE A 289 -12.89 -16.37 -13.80
CA PHE A 289 -12.65 -16.52 -12.36
C PHE A 289 -12.79 -15.19 -11.65
N PHE A 290 -12.15 -14.14 -12.18
CA PHE A 290 -12.25 -12.83 -11.56
C PHE A 290 -13.67 -12.28 -11.64
N ALA A 291 -14.38 -12.53 -12.75
CA ALA A 291 -15.75 -12.05 -12.86
C ALA A 291 -16.66 -12.71 -11.84
N LYS A 292 -16.49 -14.01 -11.62
CA LYS A 292 -17.29 -14.70 -10.62
C LYS A 292 -16.95 -14.18 -9.21
N THR A 293 -15.67 -13.94 -8.94
CA THR A 293 -15.29 -13.38 -7.65
C THR A 293 -15.86 -11.97 -7.47
N ALA A 294 -15.81 -11.16 -8.53
CA ALA A 294 -16.36 -9.81 -8.44
C ALA A 294 -17.87 -9.84 -8.20
N ALA A 295 -18.57 -10.84 -8.77
CA ALA A 295 -20.00 -10.96 -8.52
C ALA A 295 -20.28 -11.28 -7.06
N LEU A 296 -19.44 -12.14 -6.45
CA LEU A 296 -19.58 -12.42 -5.02
C LEU A 296 -19.38 -11.14 -4.22
N LEU A 297 -18.34 -10.38 -4.54
CA LEU A 297 -18.10 -9.11 -3.85
C LEU A 297 -19.29 -8.16 -4.00
N ALA A 298 -19.85 -8.09 -5.21
CA ALA A 298 -20.94 -7.15 -5.45
C ALA A 298 -22.16 -7.44 -4.58
N LYS A 299 -22.37 -8.70 -4.20
CA LYS A 299 -23.48 -9.03 -3.30
C LYS A 299 -23.34 -8.34 -1.94
N ASN A 300 -22.11 -8.00 -1.54
CA ASN A 300 -21.85 -7.29 -0.31
C ASN A 300 -21.60 -5.82 -0.53
N GLY A 301 -21.83 -5.31 -1.73
CA GLY A 301 -21.44 -3.93 -2.02
C GLY A 301 -19.95 -3.70 -2.04
N GLN A 302 -19.15 -4.75 -2.26
CA GLN A 302 -17.70 -4.65 -2.31
C GLN A 302 -17.22 -4.56 -3.76
N THR A 303 -16.02 -4.00 -3.94
CA THR A 303 -15.44 -3.85 -5.26
CA THR A 303 -15.42 -3.82 -5.26
CA THR A 303 -15.39 -3.74 -5.23
C THR A 303 -14.01 -4.38 -5.27
N PRO A 304 -13.60 -5.00 -6.38
CA PRO A 304 -12.27 -5.63 -6.44
C PRO A 304 -11.19 -4.68 -6.96
N GLN A 305 -9.95 -5.02 -6.63
CA GLN A 305 -8.75 -4.49 -7.28
C GLN A 305 -7.81 -5.65 -7.57
N PHE A 306 -6.83 -5.41 -8.44
CA PHE A 306 -5.93 -6.46 -8.90
C PHE A 306 -4.53 -5.90 -9.14
N TRP A 307 -3.52 -6.75 -8.96
CA TRP A 307 -2.20 -6.47 -9.54
C TRP A 307 -2.31 -6.63 -11.05
N TYR A 308 -1.95 -5.59 -11.79
CA TYR A 308 -2.01 -5.67 -13.25
C TYR A 308 -0.95 -6.62 -13.77
N GLU A 309 -1.37 -7.61 -14.59
CA GLU A 309 -0.45 -8.62 -15.10
C GLU A 309 -0.22 -8.53 -16.60
N GLY A 310 -0.54 -7.39 -17.21
CA GLY A 310 -0.16 -7.13 -18.59
C GLY A 310 -1.16 -7.57 -19.63
N ASN A 311 -2.29 -8.17 -19.24
CA ASN A 311 -3.33 -8.58 -20.18
C ASN A 311 -4.61 -7.87 -19.75
N ALA A 312 -4.85 -6.69 -20.32
CA ALA A 312 -6.00 -5.90 -19.90
C ALA A 312 -7.32 -6.62 -20.15
N GLY A 313 -7.33 -7.62 -21.01
CA GLY A 313 -8.57 -8.30 -21.35
C GLY A 313 -9.18 -9.13 -20.24
N ILE A 314 -8.41 -9.45 -19.19
CA ILE A 314 -8.95 -10.29 -18.12
C ILE A 314 -9.71 -9.49 -17.06
N TYR A 315 -9.72 -8.17 -17.14
CA TYR A 315 -10.43 -7.33 -16.18
C TYR A 315 -11.67 -6.75 -16.82
N HIS A 316 -12.57 -6.25 -15.97
CA HIS A 316 -13.80 -5.65 -16.45
C HIS A 316 -13.69 -4.13 -16.43
N PRO A 317 -14.19 -3.45 -17.46
CA PRO A 317 -14.15 -1.98 -17.46
C PRO A 317 -14.67 -1.40 -16.15
N GLY A 318 -13.97 -0.38 -15.66
CA GLY A 318 -14.32 0.26 -14.42
C GLY A 318 -13.54 -0.25 -13.21
N GLU A 319 -12.89 -1.40 -13.33
CA GLU A 319 -12.09 -1.93 -12.23
C GLU A 319 -10.74 -1.22 -12.16
N THR A 320 -10.13 -1.29 -10.98
CA THR A 320 -8.83 -0.67 -10.73
C THR A 320 -7.75 -1.75 -10.66
N VAL A 321 -6.63 -1.49 -11.35
CA VAL A 321 -5.47 -2.37 -11.36
C VAL A 321 -4.24 -1.57 -10.94
N TYR A 322 -3.25 -2.28 -10.40
CA TYR A 322 -1.99 -1.68 -9.95
C TYR A 322 -0.89 -2.06 -10.93
N ALA A 323 -0.28 -1.05 -11.57
CA ALA A 323 0.86 -1.29 -12.43
C ALA A 323 2.10 -1.47 -11.58
N TRP A 324 2.81 -2.57 -11.79
CA TRP A 324 3.98 -2.86 -10.96
C TRP A 324 5.18 -3.43 -11.73
N ARG A 325 4.97 -4.17 -12.81
CA ARG A 325 6.06 -4.88 -13.43
C ARG A 325 7.08 -3.92 -14.04
N GLN A 326 8.35 -4.27 -13.88
CA GLN A 326 9.44 -3.44 -14.38
C GLN A 326 9.33 -3.23 -15.88
N GLY A 327 9.57 -2.00 -16.31
CA GLY A 327 9.60 -1.66 -17.72
C GLY A 327 8.26 -1.53 -18.39
N GLN A 328 7.16 -1.68 -17.66
CA GLN A 328 5.83 -1.75 -18.26
C GLN A 328 4.95 -0.56 -17.92
N ALA A 329 5.49 0.49 -17.28
CA ALA A 329 4.64 1.57 -16.78
C ALA A 329 3.90 2.28 -17.91
N LEU A 330 4.62 2.70 -18.95
CA LEU A 330 3.98 3.44 -20.03
C LEU A 330 2.97 2.59 -20.78
N GLN A 331 3.33 1.34 -21.08
CA GLN A 331 2.37 0.45 -21.75
C GLN A 331 1.15 0.22 -20.89
N SER A 332 1.33 0.10 -19.57
CA SER A 332 0.19 -0.13 -18.69
C SER A 332 -0.75 1.07 -18.68
N ILE A 333 -0.19 2.29 -18.64
CA ILE A 333 -1.03 3.48 -18.69
C ILE A 333 -1.88 3.48 -19.95
N GLU A 334 -1.25 3.16 -21.09
CA GLU A 334 -1.94 3.21 -22.37
CA GLU A 334 -1.94 3.21 -22.37
C GLU A 334 -2.98 2.11 -22.48
N LYS A 335 -2.62 0.88 -22.09
CA LYS A 335 -3.55 -0.24 -22.23
C LYS A 335 -4.72 -0.14 -21.27
N THR A 336 -4.49 0.34 -20.04
CA THR A 336 -5.61 0.47 -19.12
C THR A 336 -6.58 1.56 -19.58
N LYS A 337 -6.06 2.65 -20.14
CA LYS A 337 -6.94 3.66 -20.70
C LYS A 337 -7.81 3.07 -21.81
N LYS A 338 -7.19 2.31 -22.72
CA LYS A 338 -7.94 1.73 -23.82
CA LYS A 338 -7.93 1.72 -23.83
C LYS A 338 -8.99 0.74 -23.34
N ALA A 339 -8.70 0.03 -22.26
CA ALA A 339 -9.62 -0.98 -21.72
C ALA A 339 -10.63 -0.40 -20.75
N GLY A 340 -10.57 0.91 -20.46
CA GLY A 340 -11.50 1.50 -19.52
C GLY A 340 -11.24 1.14 -18.07
N LEU A 341 -9.99 0.85 -17.72
CA LEU A 341 -9.63 0.51 -16.37
C LEU A 341 -9.00 1.71 -15.67
N ASN A 342 -9.17 1.77 -14.36
CA ASN A 342 -8.46 2.75 -13.55
C ASN A 342 -7.14 2.16 -13.08
N LEU A 343 -6.17 3.03 -12.81
CA LEU A 343 -4.80 2.58 -12.60
CA LEU A 343 -4.79 2.60 -12.61
C LEU A 343 -4.22 3.23 -11.36
N ILE A 344 -3.57 2.42 -10.53
CA ILE A 344 -2.75 2.92 -9.42
C ILE A 344 -1.30 2.57 -9.78
N MET A 345 -0.41 3.54 -9.65
CA MET A 345 0.99 3.36 -10.04
CA MET A 345 0.98 3.36 -10.03
C MET A 345 1.77 2.79 -8.86
N ALA A 346 2.29 1.58 -9.03
CA ALA A 346 3.13 0.92 -8.03
C ALA A 346 4.40 0.37 -8.67
N SER A 347 4.89 1.04 -9.71
CA SER A 347 6.01 0.54 -10.51
C SER A 347 7.16 0.10 -9.62
N SER A 348 7.61 -1.14 -9.81
CA SER A 348 8.68 -1.68 -8.98
C SER A 348 10.00 -0.97 -9.19
N GLU A 349 10.14 -0.19 -10.27
CA GLU A 349 11.35 0.61 -10.49
CA GLU A 349 11.36 0.58 -10.45
C GLU A 349 11.48 1.73 -9.47
N TYR A 350 10.37 2.17 -8.86
CA TYR A 350 10.35 3.32 -7.98
C TYR A 350 9.72 3.03 -6.62
N CYS A 351 8.81 2.05 -6.57
CA CYS A 351 7.85 1.95 -5.46
C CYS A 351 8.01 0.69 -4.63
N TYR A 352 8.86 -0.25 -5.05
CA TYR A 352 9.04 -1.50 -4.32
C TYR A 352 10.08 -1.26 -3.24
N LEU A 353 9.60 -0.99 -2.02
CA LEU A 353 10.50 -0.56 -0.96
C LEU A 353 11.16 -1.74 -0.24
N ASP A 354 10.88 -2.97 -0.65
CA ASP A 354 11.70 -4.08 -0.20
C ASP A 354 13.09 -4.06 -0.81
N PHE A 355 13.28 -3.36 -1.93
CA PHE A 355 14.58 -3.33 -2.59
C PHE A 355 15.54 -2.49 -1.76
N PRO A 356 16.85 -2.81 -1.78
CA PRO A 356 17.81 -2.03 -0.99
C PRO A 356 17.88 -0.59 -1.47
N GLN A 357 18.09 0.33 -0.52
CA GLN A 357 18.11 1.75 -0.86
C GLN A 357 19.52 2.31 -1.07
N ILE A 358 20.55 1.59 -0.63
CA ILE A 358 21.94 1.98 -0.87
C ILE A 358 22.66 0.79 -1.46
N GLN A 359 23.39 1.01 -2.55
CA GLN A 359 24.10 -0.08 -3.21
C GLN A 359 25.03 -0.77 -2.23
N GLY A 360 24.99 -2.10 -2.22
CA GLY A 360 25.76 -2.90 -1.30
C GLY A 360 24.96 -3.44 -0.12
N GLN A 361 23.78 -2.88 0.12
CA GLN A 361 22.90 -3.46 1.12
C GLN A 361 22.26 -4.73 0.58
N ARG A 362 21.76 -5.57 1.48
CA ARG A 362 21.33 -6.91 1.10
C ARG A 362 20.32 -6.87 -0.05
N ASN A 363 20.64 -7.59 -1.12
CA ASN A 363 19.76 -7.69 -2.28
C ASN A 363 19.30 -9.11 -2.54
N TRP A 364 19.71 -10.06 -1.69
CA TRP A 364 19.24 -11.44 -1.74
C TRP A 364 19.53 -12.12 -3.08
N GLY A 365 20.52 -11.58 -3.80
CA GLY A 365 20.97 -12.16 -5.04
C GLY A 365 20.20 -11.72 -6.28
N TRP A 366 19.25 -10.79 -6.16
CA TRP A 366 18.47 -10.42 -7.33
C TRP A 366 17.96 -8.98 -7.35
N MET A 367 17.76 -8.36 -6.18
CA MET A 367 17.10 -7.06 -6.14
C MET A 367 18.00 -5.96 -6.67
N LYS A 368 17.45 -5.10 -7.53
CA LYS A 368 18.14 -3.88 -7.89
C LYS A 368 18.07 -2.88 -6.73
N THR A 369 18.96 -1.90 -6.77
CA THR A 369 18.93 -0.82 -5.79
C THR A 369 17.96 0.25 -6.27
N THR A 370 17.10 0.72 -5.36
CA THR A 370 16.26 1.89 -5.60
C THR A 370 16.66 2.94 -4.56
N THR A 371 17.46 3.91 -4.98
CA THR A 371 17.90 4.95 -4.05
C THR A 371 16.76 5.92 -3.78
N LEU A 372 16.94 6.72 -2.73
CA LEU A 372 16.00 7.79 -2.44
C LEU A 372 15.87 8.75 -3.63
N GLN A 373 16.99 9.07 -4.27
CA GLN A 373 16.93 9.98 -5.42
C GLN A 373 16.15 9.36 -6.58
N LYS A 374 16.35 8.06 -6.83
CA LYS A 374 15.59 7.38 -7.87
C LYS A 374 14.10 7.40 -7.56
N CYS A 375 13.77 7.07 -6.31
CA CYS A 375 12.38 7.12 -5.88
CA CYS A 375 12.38 7.13 -5.86
C CYS A 375 11.75 8.48 -6.15
N TYR A 376 12.46 9.56 -5.77
CA TYR A 376 11.93 10.90 -5.95
C TYR A 376 11.74 11.26 -7.43
N ASP A 377 12.42 10.57 -8.34
CA ASP A 377 12.23 10.86 -9.75
CA ASP A 377 12.24 10.81 -9.76
C ASP A 377 10.86 10.43 -10.26
N LEU A 378 10.06 9.74 -9.45
CA LEU A 378 8.76 9.24 -9.91
C LEU A 378 7.78 10.37 -10.14
N ASP A 379 7.27 10.46 -11.37
CA ASP A 379 6.03 11.16 -11.69
C ASP A 379 5.03 10.06 -12.01
N PRO A 380 3.98 9.85 -11.21
CA PRO A 380 3.06 8.73 -11.47
C PRO A 380 2.47 8.74 -12.87
N ALA A 381 2.36 9.91 -13.49
CA ALA A 381 1.83 10.03 -14.85
C ALA A 381 2.90 9.88 -15.91
N PHE A 382 4.18 9.79 -15.54
CA PHE A 382 5.28 9.63 -16.48
C PHE A 382 5.24 10.68 -17.58
N GLY A 383 4.91 11.92 -17.19
CA GLY A 383 4.88 13.03 -18.10
C GLY A 383 3.72 13.08 -19.06
N LYS A 384 2.75 12.16 -18.93
CA LYS A 384 1.66 12.10 -19.89
C LYS A 384 0.58 13.12 -19.55
N PRO A 385 -0.09 13.67 -20.57
CA PRO A 385 -1.13 14.66 -20.31
C PRO A 385 -2.39 14.02 -19.74
N GLU A 386 -3.26 14.89 -19.22
CA GLU A 386 -4.45 14.43 -18.51
C GLU A 386 -5.37 13.61 -19.40
N LYS A 387 -5.45 13.95 -20.69
CA LYS A 387 -6.26 13.15 -21.60
C LYS A 387 -5.73 11.73 -21.75
N GLU A 388 -4.43 11.53 -21.54
CA GLU A 388 -3.84 10.19 -21.64
C GLU A 388 -3.69 9.49 -20.30
N ALA A 389 -3.69 10.24 -19.19
CA ALA A 389 -3.34 9.67 -17.89
C ALA A 389 -4.31 10.04 -16.78
N GLY A 390 -5.49 10.56 -17.11
CA GLY A 390 -6.42 10.98 -16.07
C GLY A 390 -7.06 9.84 -15.31
N HIS A 391 -6.97 8.62 -15.82
CA HIS A 391 -7.46 7.43 -15.14
C HIS A 391 -6.50 6.92 -14.08
N ILE A 392 -5.35 7.57 -13.90
CA ILE A 392 -4.43 7.22 -12.82
C ILE A 392 -4.97 7.84 -11.53
N ARG A 393 -5.21 6.98 -10.54
CA ARG A 393 -5.78 7.40 -9.26
C ARG A 393 -4.72 7.81 -8.25
N GLY A 394 -3.47 7.40 -8.43
CA GLY A 394 -2.43 7.80 -7.50
C GLY A 394 -1.28 6.80 -7.49
N VAL A 395 -0.65 6.71 -6.32
CA VAL A 395 0.63 6.04 -6.17
C VAL A 395 0.54 5.11 -4.96
N HIS A 396 1.36 4.06 -4.96
CA HIS A 396 1.24 3.01 -3.96
C HIS A 396 2.58 2.31 -3.86
N ALA A 397 3.12 2.22 -2.64
CA ALA A 397 4.44 1.62 -2.44
C ALA A 397 4.35 0.38 -1.55
N PRO A 398 4.55 -0.82 -2.08
CA PRO A 398 4.56 -2.02 -1.23
C PRO A 398 5.89 -2.20 -0.52
N VAL A 399 5.81 -2.61 0.75
CA VAL A 399 7.00 -2.97 1.51
C VAL A 399 6.98 -4.48 1.72
N TRP A 400 7.27 -5.23 0.65
CA TRP A 400 7.20 -6.68 0.72
C TRP A 400 8.16 -7.20 1.78
N ALA A 401 7.73 -8.25 2.50
CA ALA A 401 8.40 -8.61 3.74
C ALA A 401 8.97 -10.03 3.75
N GLU A 402 9.20 -10.64 2.58
CA GLU A 402 9.90 -11.93 2.57
C GLU A 402 11.13 -11.87 3.47
N ARG A 403 11.87 -10.76 3.41
CA ARG A 403 13.16 -10.63 4.09
C ARG A 403 13.15 -9.54 5.16
N LEU A 404 11.97 -9.12 5.63
CA LEU A 404 11.89 -8.05 6.63
C LEU A 404 11.15 -8.58 7.86
N PRO A 405 11.87 -9.10 8.85
CA PRO A 405 11.22 -9.91 9.90
C PRO A 405 10.60 -9.15 11.06
N ASP A 406 10.82 -7.84 11.19
CA ASP A 406 10.26 -7.08 12.29
C ASP A 406 10.11 -5.62 11.88
N LEU A 407 9.46 -4.84 12.76
CA LEU A 407 9.20 -3.44 12.45
C LEU A 407 10.48 -2.66 12.24
N ASN A 408 11.52 -2.95 13.03
CA ASN A 408 12.80 -2.27 12.86
C ASN A 408 13.30 -2.40 11.43
N HIS A 409 13.26 -3.63 10.89
CA HIS A 409 13.68 -3.83 9.51
C HIS A 409 12.71 -3.20 8.52
N LEU A 410 11.41 -3.26 8.82
CA LEU A 410 10.40 -2.71 7.93
CA LEU A 410 10.39 -2.71 7.93
C LEU A 410 10.57 -1.20 7.78
N LEU A 411 10.69 -0.49 8.90
CA LEU A 411 10.85 0.95 8.83
C LEU A 411 12.17 1.34 8.19
N TYR A 412 13.21 0.52 8.38
CA TYR A 412 14.49 0.83 7.76
C TYR A 412 14.36 0.90 6.25
N ARG A 413 13.64 -0.05 5.64
CA ARG A 413 13.47 -0.01 4.19
C ARG A 413 12.34 0.90 3.74
N ALA A 414 11.30 1.06 4.55
CA ALA A 414 10.18 1.90 4.13
C ALA A 414 10.57 3.37 4.09
N TYR A 415 11.35 3.86 5.08
CA TYR A 415 11.73 5.25 5.21
C TYR A 415 13.23 5.43 4.96
N PRO A 416 13.65 6.55 4.37
CA PRO A 416 12.85 7.72 3.97
C PRO A 416 12.19 7.64 2.60
N ARG A 417 12.30 6.53 1.87
CA ARG A 417 11.70 6.51 0.53
C ARG A 417 10.19 6.75 0.57
N ALA A 418 9.49 6.32 1.63
CA ALA A 418 8.07 6.60 1.74
C ALA A 418 7.79 8.11 1.75
N CYS A 419 8.74 8.92 2.26
CA CYS A 419 8.58 10.37 2.21
C CYS A 419 8.57 10.87 0.76
N ALA A 420 9.42 10.28 -0.09
CA ALA A 420 9.45 10.65 -1.49
C ALA A 420 8.18 10.20 -2.20
N ILE A 421 7.72 8.98 -1.90
CA ILE A 421 6.45 8.51 -2.45
C ILE A 421 5.31 9.44 -2.04
N ALA A 422 5.31 9.88 -0.77
CA ALA A 422 4.26 10.78 -0.30
C ALA A 422 4.23 12.06 -1.11
N GLU A 423 5.40 12.61 -1.42
CA GLU A 423 5.47 13.83 -2.21
C GLU A 423 5.09 13.58 -3.66
N ALA A 424 5.44 12.41 -4.20
CA ALA A 424 5.03 12.07 -5.57
C ALA A 424 3.51 11.95 -5.68
N GLY A 425 2.85 11.43 -4.64
CA GLY A 425 1.41 11.29 -4.70
C GLY A 425 0.66 12.57 -4.45
N TRP A 426 1.23 13.47 -3.63
CA TRP A 426 0.55 14.67 -3.17
C TRP A 426 0.90 15.92 -3.98
N SER A 427 2.19 16.15 -4.22
CA SER A 427 2.61 17.49 -4.64
C SER A 427 2.49 17.66 -6.15
N PRO A 428 1.94 18.79 -6.61
CA PRO A 428 2.00 19.11 -8.04
C PRO A 428 3.44 19.14 -8.53
N MET A 429 3.63 18.75 -9.79
CA MET A 429 4.97 18.74 -10.36
C MET A 429 5.63 20.11 -10.27
N GLY A 430 4.83 21.18 -10.35
CA GLY A 430 5.36 22.54 -10.34
C GLY A 430 5.98 22.97 -9.04
N VAL A 431 5.76 22.24 -7.94
CA VAL A 431 6.41 22.53 -6.66
C VAL A 431 7.44 21.49 -6.26
N ARG A 432 7.70 20.51 -7.12
CA ARG A 432 8.59 19.41 -6.80
C ARG A 432 9.99 19.69 -7.34
N SER A 433 11.00 19.37 -6.52
CA SER A 433 12.38 19.35 -6.97
C SER A 433 13.19 18.51 -5.99
N TRP A 434 14.17 17.78 -6.54
CA TRP A 434 15.03 16.96 -5.69
C TRP A 434 15.77 17.83 -4.67
N GLU A 435 16.27 18.98 -5.09
CA GLU A 435 17.02 19.85 -4.19
CA GLU A 435 17.02 19.85 -4.19
C GLU A 435 16.17 20.27 -3.00
N ASN A 436 14.93 20.70 -3.26
CA ASN A 436 14.08 21.12 -2.15
C ASN A 436 13.70 19.95 -1.26
N PHE A 437 13.37 18.80 -1.88
CA PHE A 437 13.01 17.63 -1.09
C PHE A 437 14.16 17.21 -0.19
N ARG A 438 15.36 17.14 -0.75
CA ARG A 438 16.53 16.73 0.02
C ARG A 438 16.79 17.67 1.19
N ARG A 439 16.61 18.99 0.97
CA ARG A 439 16.76 19.95 2.06
C ARG A 439 15.78 19.65 3.19
N LYS A 440 14.50 19.46 2.84
CA LYS A 440 13.49 19.21 3.88
C LYS A 440 13.73 17.89 4.59
N LEU A 441 14.11 16.85 3.85
CA LEU A 441 14.30 15.56 4.47
C LEU A 441 15.41 15.59 5.52
N ALA A 442 16.45 16.38 5.27
CA ALA A 442 17.48 16.55 6.29
C ALA A 442 16.90 17.10 7.58
N ASP A 443 16.00 18.09 7.49
CA ASP A 443 15.34 18.60 8.69
C ASP A 443 14.44 17.55 9.33
N HIS A 444 13.84 16.68 8.50
CA HIS A 444 12.94 15.66 9.04
C HIS A 444 13.64 14.61 9.89
N ARG A 445 14.95 14.45 9.77
CA ARG A 445 15.61 13.53 10.67
C ARG A 445 15.33 13.89 12.13
N GLN A 446 15.49 15.17 12.47
CA GLN A 446 15.21 15.61 13.84
CA GLN A 446 15.22 15.59 13.85
C GLN A 446 13.73 15.53 14.18
N PHE A 447 12.86 15.88 13.21
CA PHE A 447 11.42 15.82 13.47
C PHE A 447 11.02 14.40 13.87
N ILE A 448 11.46 13.41 13.09
CA ILE A 448 11.04 12.03 13.32
C ILE A 448 11.74 11.46 14.56
N LEU A 449 12.97 11.86 14.83
CA LEU A 449 13.62 11.47 16.07
C LEU A 449 12.85 11.97 17.28
N LYS A 450 12.43 13.24 17.24
CA LYS A 450 11.70 13.84 18.34
C LYS A 450 10.32 13.18 18.51
N ARG A 451 9.58 13.04 17.41
CA ARG A 451 8.19 12.63 17.52
C ARG A 451 8.04 11.13 17.67
N PHE A 452 8.88 10.36 16.99
CA PHE A 452 8.71 8.91 16.93
C PHE A 452 9.86 8.14 17.53
N ASN A 453 10.87 8.82 18.08
CA ASN A 453 12.06 8.15 18.62
CA ASN A 453 12.07 8.16 18.61
C ASN A 453 12.66 7.19 17.59
N TYR A 454 12.62 7.60 16.33
CA TYR A 454 13.05 6.77 15.22
C TYR A 454 14.02 7.56 14.35
N ASP A 455 15.11 6.91 13.94
CA ASP A 455 16.20 7.57 13.21
C ASP A 455 16.13 7.17 11.74
N MET A 456 15.86 8.15 10.87
CA MET A 456 15.78 7.91 9.43
C MET A 456 17.13 8.04 8.72
N GLU A 457 18.23 8.27 9.45
CA GLU A 457 19.53 8.34 8.80
C GLU A 457 19.84 7.02 8.12
N ARG A 458 20.37 7.09 6.89
CA ARG A 458 20.66 5.91 6.10
C ARG A 458 22.11 5.93 5.64
N THR A 459 22.86 4.89 6.00
CA THR A 459 24.18 4.62 5.48
C THR A 459 24.19 3.15 5.07
N GLN A 460 25.17 2.78 4.25
CA GLN A 460 25.22 1.39 3.80
C GLN A 460 25.24 0.43 4.98
N GLY A 461 26.01 0.75 6.02
CA GLY A 461 26.20 -0.15 7.13
C GLY A 461 25.22 -0.07 8.28
N ASN A 462 24.29 0.89 8.30
CA ASN A 462 23.41 1.02 9.47
C ASN A 462 22.07 0.29 9.32
N GLU A 463 21.89 -0.50 8.26
CA GLU A 463 20.73 -1.38 8.21
C GLU A 463 20.84 -2.42 9.33
N PRO A 464 19.74 -2.69 10.05
CA PRO A 464 19.79 -3.73 11.09
C PRO A 464 20.24 -5.06 10.52
N ALA A 465 20.95 -5.82 11.34
CA ALA A 465 21.52 -7.08 10.90
C ALA A 465 20.42 -8.09 10.56
N PHE A 466 20.73 -8.96 9.59
CA PHE A 466 19.86 -10.07 9.22
C PHE A 466 20.48 -11.37 9.69
N ARG A 467 19.63 -12.39 9.90
CA ARG A 467 20.13 -13.69 10.33
C ARG A 467 20.45 -14.62 9.17
N TRP A 468 20.05 -14.28 7.96
CA TRP A 468 20.18 -15.17 6.81
C TRP A 468 21.44 -14.87 6.04
N GLU A 469 22.12 -15.92 5.61
CA GLU A 469 23.26 -15.83 4.67
C GLU A 469 24.30 -14.79 5.08
ZN ZN B . -8.97 -27.18 -11.57
C1 ACM C . 3.94 -8.59 -6.95
O ACM C . 4.97 -7.99 -6.90
N ACM C . 3.97 -10.02 -6.86
C2 ACM C . 2.59 -7.93 -7.12
#